data_3C4H
#
_entry.id   3C4H
#
_cell.length_a   54.910
_cell.length_b   57.330
_cell.length_c   56.260
_cell.angle_alpha   90.00
_cell.angle_beta   112.36
_cell.angle_gamma   90.00
#
_symmetry.space_group_name_H-M   'P 1 21 1'
#
loop_
_entity.id
_entity.type
_entity.pdbx_description
1 polymer 'Poly(ADP-ribose) polymerase 3'
2 non-polymer 2-methyl-3,5,7,8-tetrahydro-4H-thiopyrano[4,3-d]pyrimidin-4-one
3 non-polymer 'DIMETHYL SULFOXIDE'
4 water water
#
_entity_poly.entity_id   1
_entity_poly.type   'polypeptide(L)'
_entity_poly.pdbx_seq_one_letter_code
;SMKRVQPCSLDPATQKLITNIFSKEMFKNTMALMDLDVKKMPLGKLSKQQIARGFEALEALEEALKGPTDGGQSLEELSS
HFYTVIPHNFGHSQPPPINSPELLQAKKDMLLVLADIELAQALQAVSEQEKTVEEVPHPLDRDYQLLKCQLQLLDSGAPE
YKVIQTYLEQTGSNHRCPTLQHIWKVNQEGEEDRFQAHSKLGNRKLLWHGTNMAVVAAILTSGLRIMPHSGGRVGKGIYF
ASENSKSAGYVIGMKCGAHHVGYMFLGEVALGREHHINTDNPSLKSPPPGFDSVIARGHTEPDPTQDTELELDGQQVVVP
QGQPVPCPEFSSSTFSQSEYLIYQESQCRLRYLLEVH
;
_entity_poly.pdbx_strand_id   A
#
loop_
_chem_comp.id
_chem_comp.type
_chem_comp.name
_chem_comp.formula
DMS non-polymer 'DIMETHYL SULFOXIDE' 'C2 H6 O S'
DRL non-polymer 2-methyl-3,5,7,8-tetrahydro-4H-thiopyrano[4,3-d]pyrimidin-4-one 'C8 H10 N2 O S'
#
# COMPACT_ATOMS: atom_id res chain seq x y z
N SER A 1 -13.87 -29.72 26.54
CA SER A 1 -15.29 -29.45 26.12
C SER A 1 -15.43 -28.09 25.44
N MET A 2 -16.53 -27.39 25.70
CA MET A 2 -16.84 -26.14 25.01
C MET A 2 -16.02 -24.97 25.55
N LYS A 3 -15.13 -24.45 24.71
CA LYS A 3 -14.37 -23.24 25.05
C LYS A 3 -15.26 -22.00 25.05
N ARG A 4 -15.02 -21.13 26.02
CA ARG A 4 -15.69 -19.84 26.10
C ARG A 4 -15.08 -18.83 25.14
N VAL A 5 -15.93 -18.11 24.43
CA VAL A 5 -15.52 -16.97 23.60
C VAL A 5 -15.73 -15.71 24.41
N GLN A 6 -14.64 -14.96 24.64
CA GLN A 6 -14.69 -13.77 25.48
C GLN A 6 -15.27 -12.59 24.68
N PRO A 7 -16.01 -11.68 25.35
CA PRO A 7 -16.58 -10.52 24.65
C PRO A 7 -15.52 -9.72 23.91
N CYS A 8 -15.93 -9.07 22.82
CA CYS A 8 -15.02 -8.24 22.03
C CYS A 8 -14.69 -6.95 22.77
N SER A 9 -13.40 -6.61 22.81
CA SER A 9 -12.97 -5.38 23.43
C SER A 9 -13.02 -4.17 22.48
N LEU A 10 -13.22 -4.41 21.17
CA LEU A 10 -13.05 -3.38 20.14
C LEU A 10 -14.30 -2.54 19.88
N ASP A 11 -14.08 -1.26 19.59
CA ASP A 11 -15.17 -0.34 19.26
C ASP A 11 -15.72 -0.73 17.88
N PRO A 12 -16.97 -0.32 17.55
CA PRO A 12 -17.65 -0.73 16.30
C PRO A 12 -16.86 -0.44 15.01
N ALA A 13 -16.26 0.75 14.92
CA ALA A 13 -15.49 1.14 13.75
C ALA A 13 -14.28 0.23 13.56
N THR A 14 -13.54 -0.02 14.62
CA THR A 14 -12.37 -0.93 14.56
C THR A 14 -12.78 -2.38 14.25
N GLN A 15 -13.90 -2.83 14.83
CA GLN A 15 -14.46 -4.16 14.44
C GLN A 15 -14.75 -4.26 12.94
N LYS A 16 -15.30 -3.20 12.37
CA LYS A 16 -15.64 -3.16 10.96
C LYS A 16 -14.37 -3.21 10.10
N LEU A 17 -13.39 -2.38 10.46
CA LEU A 17 -12.06 -2.40 9.83
C LEU A 17 -11.44 -3.78 9.84
N ILE A 18 -11.44 -4.41 11.01
CA ILE A 18 -10.82 -5.72 11.17
C ILE A 18 -11.58 -6.77 10.34
N THR A 19 -12.90 -6.67 10.31
CA THR A 19 -13.71 -7.54 9.46
C THR A 19 -13.37 -7.33 7.98
N ASN A 20 -13.30 -6.05 7.56
CA ASN A 20 -12.97 -5.70 6.18
C ASN A 20 -11.61 -6.23 5.69
N ILE A 21 -10.56 -6.06 6.50
CA ILE A 21 -9.20 -6.31 5.98
C ILE A 21 -8.75 -7.76 6.05
N PHE A 22 -9.52 -8.58 6.77
CA PHE A 22 -9.33 -10.03 6.75
C PHE A 22 -10.45 -10.76 6.01
N SER A 23 -11.35 -10.00 5.39
CA SER A 23 -12.51 -10.57 4.70
C SER A 23 -12.13 -11.47 3.54
N LYS A 24 -12.63 -12.71 3.55
CA LYS A 24 -12.37 -13.68 2.49
C LYS A 24 -13.00 -13.28 1.16
N GLU A 25 -14.21 -12.74 1.24
CA GLU A 25 -14.87 -12.18 0.07
C GLU A 25 -14.02 -11.07 -0.58
N MET A 26 -13.50 -10.16 0.24
CA MET A 26 -12.66 -9.06 -0.24
C MET A 26 -11.40 -9.60 -0.94
N PHE A 27 -10.72 -10.54 -0.27
CA PHE A 27 -9.53 -11.16 -0.83
C PHE A 27 -9.84 -11.82 -2.18
N LYS A 28 -10.95 -12.56 -2.25
CA LYS A 28 -11.37 -13.23 -3.49
C LYS A 28 -11.83 -12.26 -4.57
N ASN A 29 -12.54 -11.19 -4.17
CA ASN A 29 -12.85 -10.08 -5.07
C ASN A 29 -11.59 -9.49 -5.72
N THR A 30 -10.58 -9.22 -4.90
CA THR A 30 -9.31 -8.70 -5.38
C THR A 30 -8.68 -9.64 -6.42
N MET A 31 -8.70 -10.94 -6.15
CA MET A 31 -8.17 -11.92 -7.11
C MET A 31 -8.93 -11.91 -8.44
N ALA A 32 -10.26 -11.91 -8.38
CA ALA A 32 -11.10 -11.84 -9.57
C ALA A 32 -10.86 -10.54 -10.36
N LEU A 33 -10.62 -9.44 -9.64
CA LEU A 33 -10.29 -8.17 -10.27
C LEU A 33 -8.91 -8.17 -10.94
N MET A 34 -8.02 -9.07 -10.49
CA MET A 34 -6.70 -9.20 -11.11
C MET A 34 -6.65 -10.34 -12.13
N ASP A 35 -7.84 -10.83 -12.49
CA ASP A 35 -8.05 -11.86 -13.51
C ASP A 35 -7.59 -13.25 -13.10
N LEU A 36 -7.48 -13.48 -11.79
CA LEU A 36 -7.06 -14.78 -11.28
C LEU A 36 -8.21 -15.78 -11.20
N ASP A 37 -7.90 -17.06 -11.36
CA ASP A 37 -8.91 -18.10 -11.25
C ASP A 37 -8.99 -18.56 -9.80
N VAL A 38 -9.95 -17.99 -9.07
CA VAL A 38 -10.13 -18.27 -7.65
C VAL A 38 -10.53 -19.74 -7.42
N LYS A 39 -11.16 -20.36 -8.41
CA LYS A 39 -11.53 -21.77 -8.30
C LYS A 39 -10.30 -22.69 -8.37
N LYS A 40 -9.35 -22.34 -9.23
CA LYS A 40 -8.11 -23.10 -9.38
C LYS A 40 -7.04 -22.70 -8.36
N MET A 41 -7.20 -21.51 -7.78
CA MET A 41 -6.26 -20.97 -6.79
C MET A 41 -7.01 -20.51 -5.54
N PRO A 42 -7.60 -21.44 -4.77
CA PRO A 42 -8.32 -21.06 -3.55
C PRO A 42 -7.45 -20.28 -2.56
N LEU A 43 -8.08 -19.46 -1.72
CA LEU A 43 -7.39 -18.69 -0.69
C LEU A 43 -6.57 -19.56 0.25
N GLY A 44 -7.13 -20.70 0.66
CA GLY A 44 -6.45 -21.64 1.53
C GLY A 44 -5.43 -22.50 0.80
N LYS A 45 -5.38 -22.39 -0.52
CA LYS A 45 -4.41 -23.10 -1.33
C LYS A 45 -3.17 -22.26 -1.67
N LEU A 46 -3.29 -20.94 -1.56
CA LEU A 46 -2.17 -20.02 -1.77
C LEU A 46 -0.96 -20.39 -0.93
N SER A 47 0.20 -20.47 -1.57
CA SER A 47 1.44 -20.76 -0.86
C SER A 47 2.56 -19.81 -1.28
N LYS A 48 3.56 -19.67 -0.41
CA LYS A 48 4.77 -18.91 -0.72
C LYS A 48 5.56 -19.56 -1.87
N GLN A 49 5.59 -20.91 -1.91
CA GLN A 49 6.23 -21.64 -3.00
C GLN A 49 5.63 -21.29 -4.36
N GLN A 50 4.30 -21.27 -4.45
CA GLN A 50 3.61 -20.95 -5.70
C GLN A 50 3.94 -19.54 -6.18
N ILE A 51 3.85 -18.57 -5.28
CA ILE A 51 4.20 -17.18 -5.58
C ILE A 51 5.65 -17.00 -6.04
N ALA A 52 6.58 -17.72 -5.40
CA ALA A 52 8.00 -17.67 -5.79
C ALA A 52 8.22 -18.22 -7.20
N ARG A 53 7.57 -19.35 -7.50
CA ARG A 53 7.59 -19.96 -8.81
C ARG A 53 7.02 -19.06 -9.91
N GLY A 54 6.00 -18.26 -9.56
CA GLY A 54 5.41 -17.29 -10.47
C GLY A 54 6.37 -16.16 -10.81
N PHE A 55 7.05 -15.64 -9.78
CA PHE A 55 8.11 -14.66 -9.95
C PHE A 55 9.26 -15.18 -10.79
N GLU A 56 9.59 -16.46 -10.62
CA GLU A 56 10.62 -17.11 -11.43
C GLU A 56 10.25 -17.19 -12.92
N ALA A 57 8.96 -17.32 -13.19
CA ALA A 57 8.44 -17.34 -14.57
C ALA A 57 8.51 -15.96 -15.19
N LEU A 58 8.24 -14.94 -14.37
CA LEU A 58 8.31 -13.54 -14.80
C LEU A 58 9.74 -13.09 -15.07
N GLU A 59 10.68 -13.56 -14.25
CA GLU A 59 12.12 -13.32 -14.44
C GLU A 59 12.63 -13.89 -15.77
N ALA A 60 12.19 -15.09 -16.11
CA ALA A 60 12.52 -15.72 -17.39
C ALA A 60 11.91 -14.93 -18.56
N LEU A 61 10.68 -14.44 -18.37
CA LEU A 61 10.03 -13.58 -19.37
C LEU A 61 10.73 -12.23 -19.54
N GLU A 62 11.22 -11.68 -18.44
CA GLU A 62 11.96 -10.43 -18.45
C GLU A 62 13.23 -10.58 -19.28
N GLU A 63 13.91 -11.70 -19.09
CA GLU A 63 15.16 -11.97 -19.79
C GLU A 63 14.93 -12.14 -21.30
N ALA A 64 13.79 -12.75 -21.64
CA ALA A 64 13.40 -12.95 -23.03
C ALA A 64 13.06 -11.64 -23.71
N LEU A 65 12.42 -10.74 -22.96
CA LEU A 65 12.05 -9.41 -23.44
C LEU A 65 13.25 -8.51 -23.68
N LYS A 66 14.19 -8.51 -22.74
CA LYS A 66 15.35 -7.61 -22.79
C LYS A 66 16.35 -7.96 -23.88
N GLY A 67 16.06 -9.04 -24.62
CA GLY A 67 16.77 -9.35 -25.86
C GLY A 67 18.19 -9.88 -25.69
N PRO A 68 18.80 -10.32 -26.80
CA PRO A 68 18.17 -10.32 -28.13
C PRO A 68 17.37 -11.61 -28.37
N THR A 69 17.00 -11.84 -29.63
CA THR A 69 16.57 -13.18 -30.07
C THR A 69 17.81 -14.07 -29.98
N ASP A 70 17.81 -14.98 -29.00
CA ASP A 70 18.97 -15.83 -28.71
C ASP A 70 18.64 -17.32 -28.86
N GLY A 71 17.46 -17.61 -29.38
CA GLY A 71 17.01 -18.98 -29.59
C GLY A 71 16.45 -19.64 -28.35
N GLY A 72 16.10 -18.84 -27.35
CA GLY A 72 15.45 -19.35 -26.15
C GLY A 72 13.99 -19.66 -26.43
N GLN A 73 13.22 -19.92 -25.37
CA GLN A 73 11.78 -20.17 -25.50
C GLN A 73 11.07 -18.89 -25.96
N SER A 74 9.95 -19.05 -26.66
CA SER A 74 9.17 -17.90 -27.14
C SER A 74 8.45 -17.19 -26.00
N LEU A 75 7.95 -15.99 -26.28
CA LEU A 75 7.17 -15.23 -25.30
C LEU A 75 5.83 -15.90 -25.00
N GLU A 76 5.25 -16.51 -26.04
CA GLU A 76 4.03 -17.29 -25.89
C GLU A 76 4.24 -18.53 -25.00
N GLU A 77 5.35 -19.22 -25.22
CA GLU A 77 5.69 -20.42 -24.46
C GLU A 77 6.01 -20.11 -22.98
N LEU A 78 6.73 -19.02 -22.75
CA LEU A 78 7.09 -18.62 -21.40
C LEU A 78 5.92 -17.99 -20.65
N SER A 79 4.98 -17.42 -21.41
CA SER A 79 3.71 -16.94 -20.85
C SER A 79 2.87 -18.14 -20.39
N SER A 80 2.75 -19.12 -21.28
CA SER A 80 1.98 -20.33 -21.03
C SER A 80 2.42 -21.05 -19.76
N HIS A 81 3.73 -21.08 -19.49
CA HIS A 81 4.24 -21.63 -18.24
C HIS A 81 3.88 -20.78 -17.02
N PHE A 82 3.94 -19.45 -17.15
CA PHE A 82 3.49 -18.57 -16.08
C PHE A 82 2.03 -18.84 -15.71
N TYR A 83 1.19 -19.02 -16.72
CA TYR A 83 -0.23 -19.28 -16.49
C TYR A 83 -0.54 -20.68 -15.93
N THR A 84 0.42 -21.60 -16.06
CA THR A 84 0.34 -22.91 -15.40
C THR A 84 0.58 -22.73 -13.89
N VAL A 85 1.52 -21.85 -13.55
CA VAL A 85 1.90 -21.61 -12.17
C VAL A 85 0.85 -20.77 -11.45
N ILE A 86 0.38 -19.71 -12.13
CA ILE A 86 -0.60 -18.78 -11.58
C ILE A 86 -1.84 -18.76 -12.48
N PRO A 87 -2.82 -19.65 -12.21
CA PRO A 87 -4.05 -19.76 -13.00
C PRO A 87 -4.84 -18.45 -13.14
N HIS A 88 -5.08 -18.07 -14.39
CA HIS A 88 -5.85 -16.88 -14.70
C HIS A 88 -7.19 -17.26 -15.30
N ASN A 89 -8.13 -16.32 -15.24
CA ASN A 89 -9.45 -16.52 -15.80
C ASN A 89 -9.79 -15.36 -16.71
N PHE A 90 -10.07 -15.69 -17.96
CA PHE A 90 -10.51 -14.72 -18.97
C PHE A 90 -11.71 -15.31 -19.71
N GLY A 91 -12.76 -15.64 -18.97
CA GLY A 91 -13.93 -16.32 -19.53
C GLY A 91 -13.61 -17.62 -20.24
N HIS A 92 -12.62 -18.33 -19.72
CA HIS A 92 -12.13 -19.59 -20.32
C HIS A 92 -11.68 -19.45 -21.79
N SER A 93 -11.17 -18.26 -22.12
CA SER A 93 -10.37 -18.05 -23.33
C SER A 93 -8.92 -18.17 -22.89
N GLN A 94 -8.01 -18.27 -23.85
CA GLN A 94 -6.58 -18.30 -23.53
C GLN A 94 -6.15 -16.94 -22.98
N PRO A 95 -5.27 -16.93 -21.96
CA PRO A 95 -4.73 -15.66 -21.48
C PRO A 95 -3.75 -15.04 -22.48
N PRO A 96 -3.56 -13.70 -22.42
CA PRO A 96 -2.71 -13.00 -23.38
C PRO A 96 -1.21 -13.23 -23.16
N PRO A 97 -0.39 -13.15 -24.23
CA PRO A 97 1.06 -13.26 -24.10
C PRO A 97 1.69 -12.07 -23.39
N ILE A 98 2.61 -12.33 -22.47
CA ILE A 98 3.29 -11.27 -21.72
C ILE A 98 4.48 -10.80 -22.55
N ASN A 99 4.22 -9.81 -23.41
CA ASN A 99 5.12 -9.45 -24.50
C ASN A 99 5.54 -7.97 -24.54
N SER A 100 5.38 -7.28 -23.42
CA SER A 100 5.78 -5.89 -23.31
C SER A 100 6.25 -5.62 -21.88
N PRO A 101 7.13 -4.62 -21.70
CA PRO A 101 7.54 -4.23 -20.33
C PRO A 101 6.39 -3.80 -19.46
N GLU A 102 5.36 -3.19 -20.06
CA GLU A 102 4.20 -2.69 -19.32
C GLU A 102 3.39 -3.85 -18.74
N LEU A 103 3.19 -4.88 -19.56
CA LEU A 103 2.41 -6.03 -19.16
C LEU A 103 3.17 -6.87 -18.13
N LEU A 104 4.49 -6.96 -18.30
CA LEU A 104 5.35 -7.67 -17.36
C LEU A 104 5.28 -7.10 -15.94
N GLN A 105 5.40 -5.78 -15.81
CA GLN A 105 5.31 -5.12 -14.50
C GLN A 105 3.93 -5.30 -13.89
N ALA A 106 2.90 -5.33 -14.73
CA ALA A 106 1.52 -5.56 -14.29
C ALA A 106 1.37 -6.94 -13.64
N LYS A 107 2.01 -7.94 -14.24
CA LYS A 107 2.00 -9.27 -13.65
C LYS A 107 2.89 -9.34 -12.40
N LYS A 108 3.92 -8.51 -12.36
CA LYS A 108 4.74 -8.40 -11.16
C LYS A 108 3.95 -7.73 -10.01
N ASP A 109 3.23 -6.64 -10.33
CA ASP A 109 2.41 -5.93 -9.33
C ASP A 109 1.28 -6.82 -8.78
N MET A 110 0.69 -7.61 -9.66
CA MET A 110 -0.33 -8.61 -9.29
C MET A 110 0.21 -9.64 -8.31
N LEU A 111 1.37 -10.21 -8.61
CA LEU A 111 1.98 -11.20 -7.71
C LEU A 111 2.36 -10.60 -6.35
N LEU A 112 2.68 -9.31 -6.33
CA LEU A 112 3.00 -8.66 -5.06
C LEU A 112 1.74 -8.52 -4.19
N VAL A 113 0.61 -8.26 -4.82
CA VAL A 113 -0.66 -8.18 -4.09
C VAL A 113 -0.99 -9.58 -3.59
N LEU A 114 -0.89 -10.56 -4.46
CA LEU A 114 -1.15 -11.95 -4.07
C LEU A 114 -0.23 -12.43 -2.94
N ALA A 115 1.02 -11.96 -2.92
CA ALA A 115 1.94 -12.24 -1.79
C ALA A 115 1.46 -11.62 -0.47
N ASP A 116 0.77 -10.49 -0.53
CA ASP A 116 0.27 -9.86 0.70
C ASP A 116 -1.07 -10.47 1.13
N ILE A 117 -1.76 -11.13 0.20
CA ILE A 117 -2.96 -11.90 0.51
C ILE A 117 -2.54 -13.20 1.21
N GLU A 118 -1.55 -13.87 0.63
CA GLU A 118 -0.96 -15.04 1.26
C GLU A 118 -0.47 -14.76 2.68
N LEU A 119 0.15 -13.60 2.88
CA LEU A 119 0.64 -13.17 4.19
C LEU A 119 -0.51 -13.11 5.21
N ALA A 120 -1.61 -12.46 4.83
CA ALA A 120 -2.82 -12.39 5.67
C ALA A 120 -3.44 -13.77 5.95
N GLN A 121 -3.37 -14.69 4.99
CA GLN A 121 -3.81 -16.06 5.25
C GLN A 121 -2.92 -16.74 6.30
N ALA A 122 -1.60 -16.69 6.08
CA ALA A 122 -0.61 -17.31 6.96
C ALA A 122 -0.70 -16.74 8.37
N LEU A 123 -0.94 -15.44 8.47
CA LEU A 123 -1.08 -14.77 9.75
C LEU A 123 -2.23 -15.34 10.58
N GLN A 124 -3.30 -15.74 9.91
CA GLN A 124 -4.51 -16.23 10.56
C GLN A 124 -4.47 -17.68 11.05
N ALA A 125 -3.48 -18.44 10.58
CA ALA A 125 -3.25 -19.82 11.03
C ALA A 125 -3.34 -19.95 12.55
N VAL A 126 -4.11 -20.94 13.01
CA VAL A 126 -4.33 -21.15 14.44
C VAL A 126 -3.09 -21.79 15.09
N SER A 127 -2.59 -21.15 16.14
CA SER A 127 -1.38 -21.59 16.82
C SER A 127 -1.69 -22.71 17.81
N GLU A 128 -0.65 -23.40 18.26
CA GLU A 128 -0.81 -24.53 19.17
C GLU A 128 -1.14 -24.11 20.60
N GLN A 129 -0.69 -22.92 21.00
CA GLN A 129 -1.08 -22.33 22.27
C GLN A 129 -2.59 -22.06 22.30
N GLU A 130 -3.09 -21.51 21.20
CA GLU A 130 -4.50 -21.16 21.07
C GLU A 130 -5.44 -22.36 21.17
N LYS A 131 -4.93 -23.55 20.86
CA LYS A 131 -5.75 -24.77 20.90
C LYS A 131 -5.82 -25.42 22.29
N THR A 132 -4.91 -25.05 23.19
CA THR A 132 -4.86 -25.63 24.53
C THR A 132 -5.68 -24.84 25.56
N VAL A 133 -5.65 -23.52 25.45
CA VAL A 133 -6.37 -22.62 26.35
C VAL A 133 -7.89 -22.89 26.33
N GLU A 134 -8.56 -22.69 27.47
CA GLU A 134 -9.99 -23.01 27.57
C GLU A 134 -10.93 -21.80 27.36
N GLU A 135 -10.35 -20.62 27.24
CA GLU A 135 -11.10 -19.45 26.84
C GLU A 135 -10.36 -18.81 25.70
N VAL A 136 -11.09 -18.37 24.69
CA VAL A 136 -10.49 -17.73 23.53
C VAL A 136 -11.02 -16.29 23.36
N PRO A 137 -10.23 -15.42 22.72
CA PRO A 137 -10.69 -14.07 22.45
C PRO A 137 -11.79 -14.08 21.40
N HIS A 138 -12.64 -13.06 21.39
CA HIS A 138 -13.54 -12.84 20.26
C HIS A 138 -12.73 -12.89 18.96
N PRO A 139 -13.24 -13.56 17.90
CA PRO A 139 -12.47 -13.63 16.65
C PRO A 139 -11.88 -12.31 16.15
N LEU A 140 -12.59 -11.20 16.34
CA LEU A 140 -12.06 -9.88 15.91
C LEU A 140 -10.91 -9.35 16.76
N ASP A 141 -10.95 -9.62 18.08
CA ASP A 141 -9.82 -9.34 18.96
C ASP A 141 -8.62 -10.17 18.55
N ARG A 142 -8.87 -11.45 18.29
CA ARG A 142 -7.82 -12.34 17.82
C ARG A 142 -7.16 -11.75 16.56
N ASP A 143 -7.98 -11.41 15.56
CA ASP A 143 -7.44 -10.91 14.28
C ASP A 143 -6.68 -9.60 14.47
N TYR A 144 -7.25 -8.71 15.29
CA TYR A 144 -6.57 -7.46 15.66
C TYR A 144 -5.20 -7.71 16.32
N GLN A 145 -5.16 -8.62 17.28
CA GLN A 145 -3.92 -8.94 17.99
C GLN A 145 -2.84 -9.51 17.07
N LEU A 146 -3.28 -10.25 16.04
CA LEU A 146 -2.36 -10.83 15.04
C LEU A 146 -1.52 -9.77 14.30
N LEU A 147 -2.11 -8.59 14.09
CA LEU A 147 -1.41 -7.47 13.45
C LEU A 147 -0.18 -7.02 14.25
N LYS A 148 -0.24 -7.14 15.59
CA LYS A 148 0.79 -6.60 16.48
C LYS A 148 1.07 -5.14 16.12
N CYS A 149 -0.03 -4.40 15.98
CA CYS A 149 -0.04 -3.02 15.57
C CYS A 149 -1.16 -2.34 16.34
N GLN A 150 -0.80 -1.33 17.14
CA GLN A 150 -1.79 -0.58 17.90
C GLN A 150 -2.56 0.37 16.98
N LEU A 151 -3.88 0.28 17.07
CA LEU A 151 -4.74 1.17 16.33
C LEU A 151 -5.52 1.91 17.38
N GLN A 152 -5.65 3.22 17.22
CA GLN A 152 -6.51 3.98 18.12
C GLN A 152 -7.42 4.89 17.30
N LEU A 153 -8.73 4.67 17.42
CA LEU A 153 -9.71 5.46 16.71
C LEU A 153 -9.68 6.88 17.24
N LEU A 154 -9.65 7.85 16.32
CA LEU A 154 -9.65 9.26 16.70
C LEU A 154 -11.07 9.81 16.68
N ASP A 155 -11.39 10.68 17.63
CA ASP A 155 -12.65 11.40 17.54
C ASP A 155 -12.45 12.85 17.05
N SER A 156 -13.56 13.49 16.68
CA SER A 156 -13.57 14.84 16.11
C SER A 156 -12.65 15.85 16.79
N GLY A 157 -12.47 15.73 18.10
CA GLY A 157 -11.72 16.71 18.88
C GLY A 157 -10.28 16.35 19.20
N ALA A 158 -9.76 15.29 18.57
CA ALA A 158 -8.34 14.94 18.66
C ALA A 158 -7.47 16.05 18.04
N PRO A 159 -6.29 16.33 18.65
CA PRO A 159 -5.41 17.44 18.23
C PRO A 159 -5.12 17.52 16.73
N GLU A 160 -4.95 16.37 16.07
CA GLU A 160 -4.62 16.34 14.65
C GLU A 160 -5.83 16.18 13.71
N TYR A 161 -7.01 15.90 14.25
CA TYR A 161 -8.18 15.55 13.44
C TYR A 161 -8.48 16.55 12.33
N LYS A 162 -8.56 17.83 12.70
CA LYS A 162 -8.92 18.89 11.76
C LYS A 162 -7.81 19.14 10.74
N VAL A 163 -6.57 18.95 11.18
CA VAL A 163 -5.41 19.08 10.32
C VAL A 163 -5.44 18.02 9.22
N ILE A 164 -5.81 16.80 9.58
CA ILE A 164 -5.89 15.69 8.64
C ILE A 164 -7.12 15.84 7.73
N GLN A 165 -8.25 16.25 8.30
CA GLN A 165 -9.45 16.49 7.51
C GLN A 165 -9.19 17.56 6.46
N THR A 166 -8.51 18.63 6.85
CA THR A 166 -8.15 19.70 5.94
C THR A 166 -7.18 19.24 4.83
N TYR A 167 -6.18 18.43 5.19
CA TYR A 167 -5.26 17.84 4.22
C TYR A 167 -6.04 17.05 3.16
N LEU A 168 -6.99 16.22 3.62
CA LEU A 168 -7.82 15.42 2.74
C LEU A 168 -8.69 16.27 1.80
N GLU A 169 -9.36 17.26 2.38
CA GLU A 169 -10.35 18.05 1.66
C GLU A 169 -9.73 19.01 0.68
N GLN A 170 -8.60 19.61 1.06
CA GLN A 170 -7.95 20.61 0.24
C GLN A 170 -7.14 20.03 -0.92
N THR A 171 -6.65 18.79 -0.76
CA THR A 171 -5.81 18.17 -1.77
C THR A 171 -6.49 17.01 -2.51
N GLY A 172 -7.72 16.69 -2.11
CA GLY A 172 -8.54 15.68 -2.79
C GLY A 172 -9.18 16.24 -4.04
N SER A 173 -9.84 15.39 -4.81
CA SER A 173 -10.50 15.83 -6.05
C SER A 173 -11.63 16.80 -5.76
N ASN A 174 -11.78 17.80 -6.64
CA ASN A 174 -12.75 18.88 -6.46
C ASN A 174 -14.20 18.48 -6.68
N HIS A 175 -14.40 17.38 -7.42
CA HIS A 175 -15.74 16.87 -7.71
C HIS A 175 -15.97 15.51 -7.03
N ARG A 176 -15.01 14.60 -7.18
CA ARG A 176 -15.14 13.22 -6.66
C ARG A 176 -14.57 13.05 -5.24
N CYS A 177 -14.76 14.09 -4.43
CA CYS A 177 -14.16 14.20 -3.09
C CYS A 177 -14.41 12.98 -2.21
N PRO A 178 -13.33 12.28 -1.82
CA PRO A 178 -13.43 11.13 -0.91
C PRO A 178 -13.96 11.58 0.46
N THR A 179 -14.96 10.88 0.97
CA THR A 179 -15.57 11.27 2.24
C THR A 179 -14.92 10.54 3.42
N LEU A 180 -14.39 11.32 4.36
CA LEU A 180 -13.81 10.79 5.58
C LEU A 180 -14.89 10.14 6.44
N GLN A 181 -14.61 8.91 6.88
CA GLN A 181 -15.49 8.20 7.81
C GLN A 181 -14.80 8.05 9.17
N HIS A 182 -13.56 7.54 9.17
CA HIS A 182 -12.80 7.30 10.41
C HIS A 182 -11.32 7.56 10.21
N ILE A 183 -10.64 7.92 11.31
CA ILE A 183 -9.18 7.97 11.34
C ILE A 183 -8.68 7.17 12.54
N TRP A 184 -7.70 6.30 12.31
CA TRP A 184 -7.02 5.59 13.40
C TRP A 184 -5.60 6.12 13.46
N LYS A 185 -5.11 6.39 14.67
CA LYS A 185 -3.68 6.59 14.85
C LYS A 185 -3.04 5.20 14.78
N VAL A 186 -1.94 5.10 14.06
CA VAL A 186 -1.28 3.81 13.89
C VAL A 186 0.04 3.84 14.63
N ASN A 187 0.22 2.87 15.51
CA ASN A 187 1.50 2.67 16.16
C ASN A 187 1.98 1.23 15.96
N GLN A 188 2.71 1.01 14.86
CA GLN A 188 3.37 -0.26 14.60
C GLN A 188 4.73 -0.21 15.28
N GLU A 189 4.86 -0.91 16.39
CA GLU A 189 6.12 -0.93 17.12
C GLU A 189 7.04 -1.98 16.50
N GLY A 190 8.31 -1.63 16.37
CA GLY A 190 9.21 -2.44 15.54
C GLY A 190 9.46 -1.67 14.27
N GLU A 191 8.67 -0.61 14.07
CA GLU A 191 9.02 0.45 13.14
C GLU A 191 9.83 1.52 13.88
N GLU A 192 9.50 1.74 15.15
CA GLU A 192 10.05 2.87 15.91
C GLU A 192 11.58 2.91 15.95
N ASP A 193 12.19 1.77 16.26
CA ASP A 193 13.64 1.67 16.44
C ASP A 193 14.42 2.09 15.19
N ARG A 194 14.04 1.54 14.03
CA ARG A 194 14.70 1.88 12.76
C ARG A 194 14.37 3.31 12.31
N PHE A 195 13.18 3.81 12.67
CA PHE A 195 12.81 5.17 12.35
C PHE A 195 13.60 6.21 13.15
N GLN A 196 13.84 5.92 14.44
CA GLN A 196 14.65 6.76 15.32
C GLN A 196 16.08 6.98 14.80
N ALA A 197 16.59 6.01 14.05
CA ALA A 197 17.91 6.11 13.41
C ALA A 197 18.03 7.40 12.59
N HIS A 198 16.93 7.84 11.99
CA HIS A 198 16.91 9.05 11.14
C HIS A 198 16.47 10.31 11.88
N SER A 199 16.66 10.34 13.21
CA SER A 199 16.15 11.43 14.05
C SER A 199 16.83 12.78 13.77
N LYS A 200 18.09 12.73 13.36
CA LYS A 200 18.83 13.94 12.98
C LYS A 200 18.38 14.47 11.62
N LEU A 201 17.76 13.59 10.83
CA LEU A 201 17.29 13.94 9.49
C LEU A 201 16.05 14.81 9.59
N GLY A 202 16.19 16.06 9.14
CA GLY A 202 15.09 17.00 9.17
C GLY A 202 14.23 16.79 7.95
N ASN A 203 13.42 17.80 7.63
CA ASN A 203 12.55 17.73 6.47
C ASN A 203 11.64 16.48 6.51
N ARG A 204 10.74 16.48 7.48
CA ARG A 204 9.74 15.43 7.59
C ARG A 204 8.41 15.95 7.09
N LYS A 205 7.70 15.10 6.36
CA LYS A 205 6.41 15.47 5.80
C LYS A 205 5.39 14.33 5.97
N LEU A 206 4.15 14.69 6.31
CA LEU A 206 3.10 13.67 6.36
C LEU A 206 2.56 13.53 4.94
N LEU A 207 2.62 12.30 4.40
CA LEU A 207 2.31 12.06 2.99
C LEU A 207 1.36 10.88 2.82
N TRP A 208 0.53 10.96 1.78
CA TRP A 208 -0.47 9.92 1.45
C TRP A 208 0.10 8.68 0.82
N HIS A 209 -0.49 7.53 1.16
CA HIS A 209 -0.23 6.29 0.44
C HIS A 209 -1.56 5.54 0.33
N GLY A 210 -2.12 5.58 -0.87
CA GLY A 210 -3.39 4.90 -1.14
C GLY A 210 -3.05 3.48 -1.46
N THR A 211 -3.96 2.56 -1.15
CA THR A 211 -3.69 1.13 -1.30
C THR A 211 -4.98 0.34 -1.51
N ASN A 212 -4.90 -0.84 -2.09
CA ASN A 212 -6.10 -1.67 -2.09
C ASN A 212 -6.25 -2.40 -0.78
N MET A 213 -7.51 -2.72 -0.46
CA MET A 213 -7.87 -3.28 0.82
C MET A 213 -7.13 -4.58 1.12
N ALA A 214 -6.78 -5.29 0.05
CA ALA A 214 -6.16 -6.62 0.14
C ALA A 214 -4.78 -6.60 0.76
N VAL A 215 -4.13 -5.44 0.80
CA VAL A 215 -2.78 -5.37 1.31
C VAL A 215 -2.67 -4.60 2.64
N VAL A 216 -3.78 -4.03 3.11
CA VAL A 216 -3.84 -3.29 4.38
C VAL A 216 -3.36 -4.10 5.60
N ALA A 217 -3.85 -5.34 5.75
CA ALA A 217 -3.40 -6.19 6.87
C ALA A 217 -1.87 -6.38 6.85
N ALA A 218 -1.33 -6.69 5.67
CA ALA A 218 0.11 -6.86 5.51
C ALA A 218 0.87 -5.58 5.86
N ILE A 219 0.35 -4.43 5.43
CA ILE A 219 1.02 -3.15 5.74
C ILE A 219 1.00 -2.91 7.26
N LEU A 220 -0.15 -3.17 7.90
CA LEU A 220 -0.25 -2.98 9.36
C LEU A 220 0.71 -3.87 10.15
N THR A 221 0.87 -5.10 9.68
CA THR A 221 1.76 -6.09 10.28
C THR A 221 3.24 -5.79 10.02
N SER A 222 3.56 -5.35 8.80
CA SER A 222 4.93 -5.31 8.30
C SER A 222 5.50 -3.92 8.03
N GLY A 223 4.64 -2.91 8.02
CA GLY A 223 5.04 -1.59 7.54
C GLY A 223 5.01 -1.55 6.02
N LEU A 224 5.23 -0.37 5.47
CA LEU A 224 5.39 -0.19 4.02
C LEU A 224 6.75 -0.73 3.64
N ARG A 225 6.77 -1.55 2.60
CA ARG A 225 7.95 -2.32 2.24
C ARG A 225 8.37 -1.98 0.84
N ILE A 226 9.65 -2.14 0.57
CA ILE A 226 10.16 -2.14 -0.80
C ILE A 226 10.36 -3.60 -1.14
N MET A 227 9.48 -4.13 -1.99
CA MET A 227 9.46 -5.56 -2.32
C MET A 227 10.31 -5.83 -3.54
N PRO A 228 10.98 -6.99 -3.60
CA PRO A 228 11.62 -7.37 -4.86
C PRO A 228 10.59 -7.30 -5.98
N HIS A 229 11.03 -6.94 -7.17
CA HIS A 229 10.19 -6.83 -8.36
C HIS A 229 9.23 -5.63 -8.38
N SER A 230 9.24 -4.82 -7.33
CA SER A 230 8.43 -3.61 -7.32
C SER A 230 9.12 -2.52 -8.12
N GLY A 231 8.34 -1.54 -8.57
CA GLY A 231 8.87 -0.51 -9.44
C GLY A 231 7.79 0.47 -9.81
N GLY A 232 8.08 1.31 -10.80
CA GLY A 232 7.19 2.40 -11.18
C GLY A 232 7.94 3.53 -11.85
N ARG A 233 7.29 4.69 -11.93
CA ARG A 233 7.83 5.81 -12.70
C ARG A 233 9.10 6.40 -12.10
N VAL A 234 9.32 6.15 -10.82
CA VAL A 234 10.48 6.69 -10.10
C VAL A 234 11.30 5.57 -9.45
N GLY A 235 11.17 4.37 -9.99
CA GLY A 235 12.02 3.27 -9.57
C GLY A 235 11.55 2.45 -8.38
N LYS A 236 12.51 1.74 -7.79
CA LYS A 236 12.25 0.75 -6.76
C LYS A 236 12.30 1.38 -5.36
N GLY A 237 11.21 2.04 -4.96
CA GLY A 237 11.11 2.63 -3.64
C GLY A 237 9.72 2.52 -3.07
N ILE A 238 9.45 3.30 -2.03
CA ILE A 238 8.11 3.48 -1.49
C ILE A 238 7.56 4.82 -2.01
N TYR A 239 6.35 4.77 -2.56
CA TYR A 239 5.70 5.90 -3.23
C TYR A 239 4.70 6.60 -2.32
N PHE A 240 4.84 7.93 -2.23
CA PHE A 240 3.90 8.78 -1.51
C PHE A 240 3.47 9.96 -2.38
N ALA A 241 2.39 10.61 -1.98
CA ALA A 241 1.88 11.81 -2.66
C ALA A 241 1.52 12.86 -1.62
N SER A 242 1.73 14.12 -1.98
CA SER A 242 1.25 15.25 -1.17
C SER A 242 -0.17 15.62 -1.57
N GLU A 243 -0.62 15.08 -2.70
CA GLU A 243 -1.99 15.28 -3.15
C GLU A 243 -2.83 14.02 -2.96
N ASN A 244 -3.85 14.14 -2.12
CA ASN A 244 -4.77 13.06 -1.87
C ASN A 244 -5.34 12.44 -3.14
N SER A 245 -5.75 13.29 -4.08
CA SER A 245 -6.31 12.83 -5.35
C SER A 245 -5.37 11.91 -6.13
N LYS A 246 -4.07 12.19 -6.12
CA LYS A 246 -3.08 11.27 -6.70
C LYS A 246 -3.09 9.90 -6.00
N SER A 247 -3.00 9.88 -4.68
CA SER A 247 -3.05 8.62 -3.92
C SER A 247 -4.39 7.91 -4.00
N ALA A 248 -5.49 8.68 -4.10
CA ALA A 248 -6.83 8.10 -4.15
C ALA A 248 -7.03 7.21 -5.38
N GLY A 249 -6.26 7.48 -6.44
CA GLY A 249 -6.29 6.65 -7.66
C GLY A 249 -5.82 5.23 -7.42
N TYR A 250 -5.05 5.02 -6.35
CA TYR A 250 -4.53 3.69 -6.02
C TYR A 250 -5.35 2.99 -4.96
N VAL A 251 -6.45 3.62 -4.55
CA VAL A 251 -7.36 3.06 -3.58
C VAL A 251 -8.35 2.18 -4.30
N ILE A 252 -8.10 0.89 -4.22
CA ILE A 252 -9.05 -0.11 -4.68
C ILE A 252 -9.90 -0.50 -3.46
N GLY A 253 -11.13 0.00 -3.48
CA GLY A 253 -12.09 -0.25 -2.42
C GLY A 253 -13.08 -1.33 -2.80
N MET A 254 -14.06 -1.55 -1.92
CA MET A 254 -15.02 -2.62 -2.09
C MET A 254 -16.43 -2.08 -1.83
N LYS A 255 -17.41 -2.59 -2.58
CA LYS A 255 -18.80 -2.20 -2.39
C LYS A 255 -19.38 -2.81 -1.11
N CYS A 256 -19.83 -1.94 -0.21
CA CYS A 256 -20.62 -2.33 0.96
C CYS A 256 -22.01 -1.73 0.83
N GLY A 257 -23.02 -2.59 0.79
CA GLY A 257 -24.41 -2.15 0.72
C GLY A 257 -24.63 -1.13 -0.38
N ALA A 258 -24.68 0.14 -0.01
CA ALA A 258 -24.94 1.24 -0.97
C ALA A 258 -23.75 2.18 -1.17
N HIS A 259 -22.60 1.83 -0.57
CA HIS A 259 -21.39 2.67 -0.62
CA HIS A 259 -21.40 2.67 -0.67
C HIS A 259 -20.15 1.87 -1.04
N HIS A 260 -19.06 2.59 -1.33
CA HIS A 260 -17.76 2.01 -1.66
C HIS A 260 -16.75 2.38 -0.58
N VAL A 261 -16.18 1.40 0.11
CA VAL A 261 -15.25 1.65 1.22
C VAL A 261 -13.80 1.45 0.79
N GLY A 262 -12.92 2.34 1.21
CA GLY A 262 -11.49 2.25 0.92
C GLY A 262 -10.61 2.79 2.03
N TYR A 263 -9.32 2.50 1.96
CA TYR A 263 -8.37 2.85 3.02
C TYR A 263 -7.14 3.56 2.47
N MET A 264 -6.68 4.54 3.23
CA MET A 264 -5.49 5.29 2.84
C MET A 264 -4.62 5.48 4.04
N PHE A 265 -3.30 5.37 3.88
CA PHE A 265 -2.39 5.69 4.97
C PHE A 265 -1.83 7.11 4.87
N LEU A 266 -1.49 7.67 6.03
CA LEU A 266 -0.60 8.82 6.11
C LEU A 266 0.66 8.33 6.83
N GLY A 267 1.80 8.54 6.19
CA GLY A 267 3.08 8.12 6.76
C GLY A 267 3.91 9.36 7.05
N GLU A 268 4.67 9.34 8.13
CA GLU A 268 5.66 10.36 8.39
C GLU A 268 6.91 9.90 7.66
N VAL A 269 7.36 10.71 6.69
CA VAL A 269 8.49 10.36 5.86
C VAL A 269 9.65 11.34 6.11
N ALA A 270 10.82 10.81 6.47
CA ALA A 270 12.01 11.63 6.66
C ALA A 270 12.67 11.80 5.30
N LEU A 271 12.37 12.91 4.64
CA LEU A 271 12.82 13.16 3.27
C LEU A 271 14.27 13.65 3.21
N GLY A 272 14.71 14.38 4.23
CA GLY A 272 16.07 14.95 4.25
C GLY A 272 16.31 15.85 3.05
N ARG A 273 17.51 15.76 2.49
CA ARG A 273 17.86 16.51 1.28
C ARG A 273 17.23 15.84 0.04
N GLU A 274 16.34 16.60 -0.62
CA GLU A 274 15.54 16.10 -1.74
C GLU A 274 16.23 16.28 -3.07
N HIS A 275 16.15 15.26 -3.90
CA HIS A 275 16.58 15.39 -5.28
C HIS A 275 15.34 15.45 -6.15
N HIS A 276 15.15 16.58 -6.84
CA HIS A 276 13.97 16.75 -7.71
C HIS A 276 14.24 16.31 -9.13
N ILE A 277 13.29 15.56 -9.71
CA ILE A 277 13.35 15.20 -11.11
C ILE A 277 12.09 15.68 -11.85
N ASN A 278 12.14 15.73 -13.17
CA ASN A 278 10.97 16.17 -13.95
C ASN A 278 10.67 15.27 -15.15
N THR A 279 11.32 14.10 -15.14
CA THR A 279 11.16 13.10 -16.18
C THR A 279 11.21 11.75 -15.48
N ASP A 280 10.44 10.78 -16.00
CA ASP A 280 10.37 9.44 -15.43
C ASP A 280 11.75 8.80 -15.38
N ASN A 281 12.00 8.03 -14.32
CA ASN A 281 13.19 7.19 -14.28
C ASN A 281 12.90 5.89 -13.51
N PRO A 282 12.32 4.88 -14.22
CA PRO A 282 11.99 3.60 -13.63
C PRO A 282 13.18 2.76 -13.14
N SER A 283 14.40 3.23 -13.37
CA SER A 283 15.58 2.43 -13.02
C SER A 283 16.25 2.89 -11.72
N LEU A 284 15.67 3.90 -11.08
CA LEU A 284 16.17 4.41 -9.81
C LEU A 284 16.05 3.38 -8.69
N LYS A 285 17.15 3.12 -7.98
CA LYS A 285 17.12 2.24 -6.82
C LYS A 285 17.58 2.95 -5.54
N SER A 286 18.00 4.20 -5.69
CA SER A 286 18.36 5.09 -4.58
C SER A 286 18.42 6.53 -5.07
N PRO A 287 18.44 7.51 -4.15
CA PRO A 287 18.69 8.89 -4.58
C PRO A 287 20.16 9.04 -5.01
N PRO A 288 20.48 10.12 -5.76
CA PRO A 288 21.90 10.35 -6.08
C PRO A 288 22.72 10.52 -4.80
N PRO A 289 24.06 10.33 -4.87
CA PRO A 289 24.88 10.51 -3.68
C PRO A 289 24.69 11.88 -3.00
N GLY A 290 24.43 11.85 -1.69
CA GLY A 290 24.22 13.06 -0.91
C GLY A 290 22.75 13.47 -0.78
N PHE A 291 21.86 12.68 -1.37
CA PHE A 291 20.43 12.93 -1.25
C PHE A 291 19.76 11.78 -0.53
N ASP A 292 18.68 12.08 0.17
CA ASP A 292 17.96 11.09 0.98
C ASP A 292 16.61 10.70 0.40
N SER A 293 16.13 11.45 -0.59
CA SER A 293 14.85 11.17 -1.24
C SER A 293 14.84 11.63 -2.70
N VAL A 294 13.92 11.09 -3.50
CA VAL A 294 13.71 11.58 -4.85
C VAL A 294 12.27 12.03 -4.99
N ILE A 295 12.09 13.27 -5.40
CA ILE A 295 10.77 13.81 -5.62
C ILE A 295 10.56 14.09 -7.09
N ALA A 296 9.70 13.30 -7.71
CA ALA A 296 9.22 13.57 -9.05
C ALA A 296 8.19 14.69 -8.97
N ARG A 297 8.60 15.88 -9.38
CA ARG A 297 7.85 17.10 -9.17
C ARG A 297 6.76 17.34 -10.20
N GLY A 298 5.56 17.62 -9.72
CA GLY A 298 4.41 17.84 -10.58
C GLY A 298 4.21 19.27 -11.05
N HIS A 299 3.32 19.42 -12.03
CA HIS A 299 2.85 20.74 -12.45
C HIS A 299 2.24 21.53 -11.29
N THR A 300 1.69 20.82 -10.31
CA THR A 300 1.10 21.45 -9.12
C THR A 300 1.67 20.90 -7.82
N GLU A 301 1.50 21.66 -6.74
CA GLU A 301 1.83 21.24 -5.38
C GLU A 301 0.87 21.94 -4.44
N PRO A 302 0.41 21.24 -3.38
CA PRO A 302 -0.36 21.95 -2.34
C PRO A 302 0.37 23.24 -1.92
N ASP A 303 -0.34 24.38 -1.97
CA ASP A 303 0.20 25.71 -1.65
C ASP A 303 1.09 25.68 -0.40
N PRO A 304 2.42 25.71 -0.59
CA PRO A 304 3.38 25.59 0.52
C PRO A 304 3.19 26.63 1.61
N THR A 305 2.65 27.79 1.25
CA THR A 305 2.40 28.87 2.20
C THR A 305 1.30 28.53 3.19
N GLN A 306 0.58 27.44 2.91
CA GLN A 306 -0.49 26.97 3.77
C GLN A 306 -0.04 25.76 4.59
N ASP A 307 1.20 25.33 4.40
CA ASP A 307 1.76 24.20 5.15
C ASP A 307 1.64 24.48 6.63
N THR A 308 1.23 23.45 7.38
CA THR A 308 1.30 23.50 8.84
C THR A 308 2.22 22.39 9.36
N GLU A 309 2.31 22.27 10.68
CA GLU A 309 3.13 21.25 11.33
C GLU A 309 2.35 20.50 12.41
N LEU A 310 2.67 19.23 12.56
CA LEU A 310 2.24 18.49 13.74
C LEU A 310 3.50 18.07 14.47
N GLU A 311 3.39 17.92 15.79
CA GLU A 311 4.47 17.34 16.57
C GLU A 311 4.20 15.86 16.81
N LEU A 312 5.04 15.03 16.23
CA LEU A 312 4.91 13.57 16.33
C LEU A 312 6.17 12.99 16.94
N ASP A 313 6.03 12.42 18.15
CA ASP A 313 7.15 11.88 18.93
C ASP A 313 8.27 12.90 19.11
N GLY A 314 7.89 14.14 19.40
CA GLY A 314 8.83 15.23 19.62
C GLY A 314 9.44 15.90 18.39
N GLN A 315 9.09 15.43 17.20
CA GLN A 315 9.57 16.00 15.92
C GLN A 315 8.49 16.80 15.20
N GLN A 316 8.89 17.91 14.57
CA GLN A 316 8.03 18.70 13.69
C GLN A 316 7.85 18.00 12.36
N VAL A 317 6.59 17.82 11.96
CA VAL A 317 6.27 17.12 10.71
C VAL A 317 5.37 18.02 9.89
N VAL A 318 5.83 18.39 8.70
CA VAL A 318 5.07 19.24 7.78
C VAL A 318 3.82 18.53 7.27
N VAL A 319 2.68 19.19 7.40
CA VAL A 319 1.43 18.70 6.82
C VAL A 319 0.90 19.77 5.86
N PRO A 320 0.83 19.47 4.54
CA PRO A 320 0.15 20.38 3.61
C PRO A 320 -1.32 20.64 3.97
N GLN A 321 -1.76 21.88 3.80
CA GLN A 321 -3.15 22.29 4.11
C GLN A 321 -3.79 23.05 2.95
N GLY A 322 -3.05 23.21 1.86
CA GLY A 322 -3.46 24.09 0.78
C GLY A 322 -3.95 23.37 -0.45
N GLN A 323 -4.73 24.08 -1.26
CA GLN A 323 -5.17 23.57 -2.54
C GLN A 323 -3.96 23.55 -3.48
N PRO A 324 -3.94 22.63 -4.44
CA PRO A 324 -2.81 22.58 -5.38
C PRO A 324 -2.65 23.86 -6.19
N VAL A 325 -1.42 24.35 -6.30
CA VAL A 325 -1.15 25.54 -7.11
C VAL A 325 -0.09 25.16 -8.16
N PRO A 326 -0.07 25.89 -9.30
CA PRO A 326 0.93 25.61 -10.34
C PRO A 326 2.35 25.93 -9.88
N CYS A 327 3.31 25.09 -10.25
CA CYS A 327 4.73 25.37 -10.02
C CYS A 327 5.42 25.64 -11.35
N PRO A 328 5.63 26.93 -11.68
CA PRO A 328 6.17 27.33 -12.98
C PRO A 328 7.46 26.61 -13.34
N GLU A 329 8.29 26.31 -12.35
CA GLU A 329 9.57 25.63 -12.57
C GLU A 329 9.38 24.20 -13.09
N PHE A 330 8.23 23.61 -12.81
CA PHE A 330 7.95 22.23 -13.24
C PHE A 330 6.75 22.08 -14.19
N SER A 331 6.39 23.17 -14.87
CA SER A 331 5.28 23.19 -15.83
C SER A 331 5.47 22.28 -17.06
N SER A 332 6.72 21.92 -17.37
CA SER A 332 7.00 20.99 -18.47
C SER A 332 7.30 19.57 -17.97
N SER A 333 7.06 19.33 -16.68
CA SER A 333 7.34 18.02 -16.08
C SER A 333 6.46 16.92 -16.67
N THR A 334 7.00 15.71 -16.71
CA THR A 334 6.26 14.54 -17.18
C THR A 334 5.25 14.10 -16.12
N PHE A 335 5.27 14.76 -14.95
CA PHE A 335 4.38 14.44 -13.85
C PHE A 335 3.37 15.55 -13.62
N SER A 336 2.08 15.22 -13.71
CA SER A 336 1.04 16.20 -13.38
C SER A 336 1.03 16.50 -11.88
N GLN A 337 1.24 15.48 -11.05
CA GLN A 337 1.27 15.61 -9.60
C GLN A 337 2.54 14.94 -9.07
N SER A 338 3.07 15.40 -7.93
CA SER A 338 4.34 14.88 -7.40
C SER A 338 4.22 13.45 -6.89
N GLU A 339 5.32 12.69 -7.03
CA GLU A 339 5.50 11.40 -6.39
C GLU A 339 6.75 11.48 -5.50
N TYR A 340 6.56 11.27 -4.19
CA TYR A 340 7.64 11.36 -3.21
C TYR A 340 8.21 9.98 -2.93
N LEU A 341 9.51 9.82 -3.11
CA LEU A 341 10.17 8.53 -3.02
C LEU A 341 11.26 8.45 -1.97
N ILE A 342 11.22 7.38 -1.20
CA ILE A 342 12.35 6.99 -0.35
C ILE A 342 12.74 5.59 -0.78
N TYR A 343 13.97 5.19 -0.46
CA TYR A 343 14.55 3.98 -1.01
C TYR A 343 15.08 3.07 0.11
N GLN A 344 14.68 3.40 1.33
CA GLN A 344 14.83 2.50 2.47
C GLN A 344 13.63 2.60 3.40
N GLU A 345 13.18 1.42 3.84
CA GLU A 345 11.97 1.27 4.64
C GLU A 345 11.98 2.08 5.95
N SER A 346 13.17 2.31 6.53
CA SER A 346 13.30 3.04 7.80
C SER A 346 13.01 4.55 7.74
N GLN A 347 12.91 5.12 6.54
CA GLN A 347 12.64 6.55 6.41
C GLN A 347 11.17 6.89 6.49
N CYS A 348 10.32 5.88 6.65
CA CYS A 348 8.88 6.09 6.85
CA CYS A 348 8.92 6.15 6.92
C CYS A 348 8.38 5.36 8.10
N ARG A 349 7.37 5.94 8.73
CA ARG A 349 6.69 5.38 9.87
C ARG A 349 5.22 5.60 9.54
N LEU A 350 4.41 4.55 9.61
CA LEU A 350 2.95 4.72 9.51
C LEU A 350 2.49 5.54 10.69
N ARG A 351 1.62 6.52 10.44
CA ARG A 351 1.06 7.34 11.51
C ARG A 351 -0.47 7.28 11.62
N TYR A 352 -1.16 7.31 10.47
CA TYR A 352 -2.63 7.33 10.46
C TYR A 352 -3.17 6.41 9.39
N LEU A 353 -4.35 5.85 9.66
CA LEU A 353 -5.13 5.08 8.69
C LEU A 353 -6.50 5.72 8.60
N LEU A 354 -6.96 6.00 7.39
CA LEU A 354 -8.25 6.65 7.18
C LEU A 354 -9.17 5.73 6.43
N GLU A 355 -10.42 5.64 6.87
CA GLU A 355 -11.44 4.98 6.10
C GLU A 355 -12.21 6.05 5.31
N VAL A 356 -12.32 5.85 4.00
CA VAL A 356 -12.99 6.81 3.12
C VAL A 356 -14.09 6.14 2.27
N HIS A 357 -15.10 6.93 1.87
CA HIS A 357 -16.20 6.43 1.03
CA HIS A 357 -16.10 6.38 0.96
C HIS A 357 -16.29 7.22 -0.29
C1A DRL B . 0.28 2.04 -4.23
C1I DRL B . 0.50 3.55 -4.41
N1G DRL B . 1.26 4.02 -5.41
C1J DRL B . 1.49 5.33 -5.61
C1D DRL B . 2.39 5.60 -6.83
C1C DRL B . 2.29 7.04 -7.34
S1H DRL B . 2.61 8.17 -5.95
C1E DRL B . 1.11 7.80 -4.96
C1K DRL B . 0.90 6.28 -4.78
C1L DRL B . 0.10 5.80 -3.74
O1B DRL B . -0.46 6.57 -2.95
N1F DRL B . -0.12 4.45 -3.57
S DMS C . 3.84 -2.25 0.21
O DMS C . 4.44 -2.42 1.87
C1 DMS C . 4.27 -0.60 -0.40
C2 DMS C . 4.85 -3.25 -0.93
#